data_8QLT
#
_entry.id   8QLT
#
_cell.length_a   43.547
_cell.length_b   58.560
_cell.length_c   61.173
_cell.angle_alpha   90.000
_cell.angle_beta   107.270
_cell.angle_gamma   90.000
#
_symmetry.space_group_name_H-M   'P 1 21 1'
#
loop_
_entity.id
_entity.type
_entity.pdbx_description
1 polymer 'Serine/threonine-protein kinase 24'
2 non-polymer 8-(4-azanylbutyl)-6-[2-chloranyl-4-(6-methylpyridin-2-yl)phenyl]-2-[3-(2-oxidanylidenepyrrolidin-1-yl)propylamino]pyrido[2,3-d]pyrimidin-7-one
3 non-polymer 1,2-ETHANEDIOL
4 water water
#
_entity_poly.entity_id   1
_entity_poly.type   'polypeptide(L)'
_entity_poly.pdbx_seq_one_letter_code
;MRAQLWGLALNKRRATLPHPGGSTNLKADPEELFTKLEKIGKGSFGEVFKGIDNRTQKVVAIKIIDLEEAEDEIEDIQQE
ITVLSQCDSPYVTKYYGSYLKDTKLWIIMEYLGGGSALDLLEPGPLDETQIATILREILKGLDYLHSEKKIHRDIKAANV
LLSEHGEVKLADFGVAGQLTDTQIKRNTFVGTPFWMAPEVIKQSAYDSKADIWSLGITAIELARGEPPHSELHPMKVLFL
IPKNNPPTLEGNYSKPLKEFVEACLNKEPSFRPTAKELLKHKFILRNAKKTSYLTELIDAHHHHHH
;
_entity_poly.pdbx_strand_id   A
#
loop_
_chem_comp.id
_chem_comp.type
_chem_comp.name
_chem_comp.formula
EDO non-polymer 1,2-ETHANEDIOL 'C2 H6 O2'
VZ2 non-polymer 8-(4-azanylbutyl)-6-[2-chloranyl-4-(6-methylpyridin-2-yl)phenyl]-2-[3-(2-oxidanylidenepyrrolidin-1-yl)propylamino]pyrido[2,3-d]pyrimidin-7-one 'C30 H34 Cl N7 O2'
#
# COMPACT_ATOMS: atom_id res chain seq x y z
N SER A 23 -4.73 0.71 -22.43
CA SER A 23 -3.70 1.58 -22.98
C SER A 23 -4.12 3.04 -22.93
N THR A 24 -3.25 3.93 -23.38
CA THR A 24 -3.41 5.37 -23.17
C THR A 24 -4.21 6.01 -24.30
N ASN A 25 -5.08 6.95 -23.93
CA ASN A 25 -5.96 7.65 -24.85
C ASN A 25 -5.28 8.94 -25.27
N LEU A 26 -4.93 9.05 -26.56
CA LEU A 26 -4.32 10.26 -27.08
C LEU A 26 -5.29 11.14 -27.85
N LYS A 27 -6.56 10.75 -27.94
CA LYS A 27 -7.56 11.51 -28.68
C LYS A 27 -8.35 12.45 -27.80
N ALA A 28 -8.80 11.98 -26.64
CA ALA A 28 -9.63 12.78 -25.74
C ALA A 28 -8.76 13.75 -24.94
N ASP A 29 -9.34 14.91 -24.63
CA ASP A 29 -8.65 15.93 -23.84
C ASP A 29 -9.02 15.71 -22.37
N PRO A 30 -8.08 15.27 -21.52
CA PRO A 30 -8.44 15.03 -20.12
C PRO A 30 -8.81 16.28 -19.36
N GLU A 31 -8.36 17.46 -19.81
N GLU A 31 -8.36 17.47 -19.80
CA GLU A 31 -8.72 18.70 -19.14
CA GLU A 31 -8.73 18.70 -19.12
C GLU A 31 -10.21 18.99 -19.28
C GLU A 31 -10.21 19.03 -19.30
N GLU A 32 -10.84 18.54 -20.37
CA GLU A 32 -12.28 18.66 -20.51
C GLU A 32 -13.04 17.54 -19.82
N LEU A 33 -12.40 16.38 -19.61
CA LEU A 33 -13.09 15.24 -19.03
C LEU A 33 -13.11 15.27 -17.50
N PHE A 34 -12.12 15.93 -16.89
CA PHE A 34 -11.93 15.89 -15.44
C PHE A 34 -11.72 17.30 -14.91
N THR A 35 -12.21 17.54 -13.69
CA THR A 35 -11.97 18.77 -12.96
C THR A 35 -11.14 18.45 -11.72
N LYS A 36 -10.05 19.20 -11.51
CA LYS A 36 -9.25 19.04 -10.30
C LYS A 36 -9.97 19.69 -9.12
N LEU A 37 -10.06 18.95 -8.01
CA LEU A 37 -10.71 19.44 -6.80
C LEU A 37 -9.73 19.79 -5.68
N GLU A 38 -8.62 19.07 -5.59
CA GLU A 38 -7.69 19.23 -4.47
C GLU A 38 -6.35 18.61 -4.86
N LYS A 39 -5.26 19.30 -4.53
CA LYS A 39 -3.96 18.66 -4.64
C LYS A 39 -3.72 17.79 -3.42
N ILE A 40 -3.38 16.52 -3.65
CA ILE A 40 -3.14 15.56 -2.58
C ILE A 40 -1.78 14.90 -2.80
N GLY A 41 -1.48 13.85 -2.03
CA GLY A 41 -0.28 13.06 -2.28
C GLY A 41 1.03 13.80 -2.18
N LYS A 42 1.30 14.41 -1.03
CA LYS A 42 2.56 15.13 -0.80
C LYS A 42 3.77 14.25 -1.01
N SER A 44 4.67 12.42 -3.58
CA SER A 44 4.45 11.46 -4.65
C SER A 44 5.27 11.82 -5.89
N PHE A 45 5.46 10.85 -6.78
CA PHE A 45 6.16 11.08 -8.04
C PHE A 45 5.16 11.58 -9.07
N GLY A 46 5.35 12.80 -9.56
CA GLY A 46 4.31 13.49 -10.29
C GLY A 46 3.29 14.06 -9.31
N GLU A 47 2.42 14.93 -9.82
CA GLU A 47 1.45 15.58 -8.96
C GLU A 47 0.15 14.79 -8.94
N VAL A 48 -0.45 14.67 -7.75
CA VAL A 48 -1.65 13.87 -7.57
C VAL A 48 -2.76 14.78 -7.10
N PHE A 49 -3.95 14.59 -7.68
CA PHE A 49 -5.11 15.40 -7.36
C PHE A 49 -6.31 14.51 -7.06
N LYS A 50 -7.13 14.95 -6.13
N LYS A 50 -7.14 14.97 -6.15
CA LYS A 50 -8.49 14.47 -6.09
CA LYS A 50 -8.50 14.48 -6.08
C LYS A 50 -9.23 15.22 -7.20
C LYS A 50 -9.28 15.22 -7.16
N GLY A 51 -9.98 14.48 -8.01
CA GLY A 51 -10.64 15.06 -9.16
C GLY A 51 -12.03 14.48 -9.31
N ILE A 52 -12.76 15.02 -10.29
CA ILE A 52 -14.11 14.55 -10.57
C ILE A 52 -14.21 14.28 -12.06
N ASP A 53 -14.78 13.13 -12.40
CA ASP A 53 -15.18 12.86 -13.77
C ASP A 53 -16.38 13.74 -14.08
N ASN A 54 -16.22 14.68 -15.02
CA ASN A 54 -17.27 15.64 -15.27
C ASN A 54 -18.56 14.99 -15.74
N ARG A 55 -18.46 13.87 -16.46
CA ARG A 55 -19.64 13.20 -17.00
C ARG A 55 -20.42 12.48 -15.89
N THR A 56 -19.73 11.67 -15.09
CA THR A 56 -20.40 10.81 -14.12
C THR A 56 -20.54 11.45 -12.76
N GLN A 57 -19.75 12.48 -12.47
CA GLN A 57 -19.65 13.10 -11.16
C GLN A 57 -19.06 12.18 -10.10
N LYS A 58 -18.41 11.09 -10.52
CA LYS A 58 -17.63 10.28 -9.59
C LYS A 58 -16.28 10.92 -9.32
N VAL A 59 -15.84 10.83 -8.09
CA VAL A 59 -14.52 11.32 -7.69
C VAL A 59 -13.46 10.31 -8.07
N VAL A 60 -12.33 10.81 -8.56
CA VAL A 60 -11.21 9.97 -8.99
C VAL A 60 -9.93 10.56 -8.42
N ALA A 61 -8.88 9.75 -8.41
CA ALA A 61 -7.53 10.22 -8.14
C ALA A 61 -6.81 10.35 -9.46
N ILE A 62 -6.11 11.47 -9.67
CA ILE A 62 -5.47 11.78 -10.93
C ILE A 62 -4.00 12.04 -10.67
N LYS A 63 -3.12 11.26 -11.28
CA LYS A 63 -1.70 11.53 -11.22
C LYS A 63 -1.28 12.08 -12.57
N ILE A 64 -0.59 13.21 -12.57
CA ILE A 64 -0.14 13.85 -13.80
C ILE A 64 1.38 13.87 -13.77
N ILE A 65 2.00 13.25 -14.77
CA ILE A 65 3.45 13.14 -14.86
C ILE A 65 3.89 13.81 -16.14
N ASP A 66 4.90 14.68 -16.06
CA ASP A 66 5.42 15.31 -17.25
C ASP A 66 6.49 14.36 -17.80
N LEU A 67 6.20 13.75 -18.95
CA LEU A 67 7.07 12.71 -19.47
C LEU A 67 8.40 13.24 -19.98
N GLU A 68 8.51 14.53 -20.25
CA GLU A 68 9.81 15.09 -20.60
C GLU A 68 10.69 15.23 -19.36
N GLU A 69 10.08 15.42 -18.20
CA GLU A 69 10.79 15.54 -16.94
C GLU A 69 11.17 14.17 -16.36
N ALA A 70 10.34 13.17 -16.60
CA ALA A 70 10.48 11.85 -15.98
C ALA A 70 10.96 10.81 -16.99
N GLU A 71 11.86 11.20 -17.89
CA GLU A 71 12.21 10.32 -19.00
C GLU A 71 12.86 9.03 -18.52
N ASP A 72 13.72 9.11 -17.49
CA ASP A 72 14.38 7.90 -17.00
C ASP A 72 13.41 6.92 -16.35
N GLU A 73 12.26 7.40 -15.87
CA GLU A 73 11.31 6.56 -15.15
C GLU A 73 10.18 6.03 -16.03
N ILE A 74 10.23 6.27 -17.34
CA ILE A 74 9.07 6.00 -18.19
C ILE A 74 8.75 4.51 -18.21
N GLU A 75 9.79 3.67 -18.33
CA GLU A 75 9.53 2.22 -18.31
C GLU A 75 8.92 1.77 -16.99
N ASP A 76 9.38 2.32 -15.86
CA ASP A 76 8.77 1.98 -14.59
C ASP A 76 7.31 2.40 -14.54
N ILE A 77 7.01 3.59 -15.07
CA ILE A 77 5.62 4.07 -15.13
C ILE A 77 4.77 3.12 -15.96
N GLN A 78 5.27 2.75 -17.14
CA GLN A 78 4.54 1.84 -18.02
C GLN A 78 4.29 0.50 -17.34
N GLN A 79 5.30 0.00 -16.62
CA GLN A 79 5.14 -1.29 -15.94
C GLN A 79 4.08 -1.22 -14.85
N GLU A 80 4.03 -0.12 -14.10
CA GLU A 80 3.00 -0.02 -13.06
C GLU A 80 1.61 0.08 -13.66
N ILE A 81 1.47 0.86 -14.75
CA ILE A 81 0.18 0.92 -15.43
C ILE A 81 -0.25 -0.47 -15.90
N THR A 82 0.69 -1.21 -16.50
CA THR A 82 0.34 -2.53 -17.02
C THR A 82 -0.16 -3.43 -15.92
N VAL A 83 0.54 -3.47 -14.79
CA VAL A 83 0.16 -4.38 -13.71
C VAL A 83 -1.21 -3.99 -13.16
N LEU A 84 -1.44 -2.69 -12.95
CA LEU A 84 -2.71 -2.25 -12.40
C LEU A 84 -3.85 -2.53 -13.37
N SER A 85 -3.58 -2.42 -14.67
CA SER A 85 -4.62 -2.68 -15.66
C SER A 85 -5.02 -4.14 -15.71
N GLN A 86 -4.16 -5.03 -15.23
CA GLN A 86 -4.44 -6.46 -15.19
C GLN A 86 -5.12 -6.89 -13.89
N CYS A 87 -5.29 -5.99 -12.94
CA CYS A 87 -5.89 -6.32 -11.65
C CYS A 87 -7.37 -5.95 -11.67
N ASP A 88 -8.19 -6.83 -11.10
CA ASP A 88 -9.64 -6.58 -10.94
C ASP A 88 -10.05 -7.23 -9.62
N SER A 89 -9.92 -6.47 -8.53
CA SER A 89 -10.15 -6.97 -7.20
C SER A 89 -10.67 -5.82 -6.35
N PRO A 90 -11.63 -6.07 -5.45
CA PRO A 90 -12.01 -5.04 -4.48
C PRO A 90 -10.90 -4.68 -3.51
N TYR A 91 -9.78 -5.41 -3.53
CA TYR A 91 -8.67 -5.15 -2.61
C TYR A 91 -7.52 -4.40 -3.26
N VAL A 92 -7.64 -4.03 -4.52
CA VAL A 92 -6.61 -3.29 -5.25
C VAL A 92 -7.25 -2.06 -5.86
N THR A 93 -6.66 -0.90 -5.61
CA THR A 93 -7.17 0.34 -6.22
C THR A 93 -7.31 0.18 -7.72
N LYS A 94 -8.49 0.53 -8.23
CA LYS A 94 -8.80 0.30 -9.63
C LYS A 94 -8.12 1.33 -10.52
N TYR A 95 -7.71 0.88 -11.70
CA TYR A 95 -7.14 1.73 -12.72
C TYR A 95 -8.22 1.99 -13.76
N TYR A 96 -8.54 3.26 -13.99
CA TYR A 96 -9.58 3.59 -14.95
C TYR A 96 -9.04 3.86 -16.35
N GLY A 97 -7.82 4.30 -16.48
CA GLY A 97 -7.28 4.62 -17.79
C GLY A 97 -6.26 5.73 -17.69
N SER A 98 -5.69 6.08 -18.84
CA SER A 98 -4.71 7.14 -18.90
C SER A 98 -4.90 7.93 -20.18
N TYR A 99 -4.42 9.17 -20.13
CA TYR A 99 -4.51 10.09 -21.25
C TYR A 99 -3.16 10.77 -21.41
N LEU A 100 -2.85 11.17 -22.64
CA LEU A 100 -1.58 11.82 -22.91
C LEU A 100 -1.88 13.11 -23.67
N LYS A 101 -1.62 14.25 -23.03
CA LYS A 101 -1.86 15.57 -23.61
C LYS A 101 -0.57 16.35 -23.61
N ASP A 102 -0.13 16.76 -24.81
CA ASP A 102 1.21 17.34 -24.96
C ASP A 102 2.22 16.40 -24.32
N THR A 103 2.98 16.85 -23.31
CA THR A 103 3.95 16.00 -22.67
C THR A 103 3.47 15.40 -21.35
N LYS A 104 2.20 15.61 -21.00
CA LYS A 104 1.67 15.24 -19.68
C LYS A 104 0.87 13.96 -19.78
N LEU A 105 1.25 12.96 -19.00
CA LEU A 105 0.48 11.73 -18.86
C LEU A 105 -0.44 11.86 -17.66
N TRP A 106 -1.76 11.70 -17.87
CA TRP A 106 -2.75 11.70 -16.80
C TRP A 106 -3.13 10.26 -16.53
N ILE A 107 -3.00 9.81 -15.28
CA ILE A 107 -3.37 8.46 -14.89
C ILE A 107 -4.57 8.57 -13.96
N ILE A 108 -5.66 7.88 -14.30
CA ILE A 108 -6.92 8.01 -13.57
C ILE A 108 -7.13 6.76 -12.75
N MET A 109 -7.27 6.92 -11.44
N MET A 109 -7.23 6.91 -11.43
CA MET A 109 -7.42 5.82 -10.50
CA MET A 109 -7.40 5.79 -10.52
C MET A 109 -8.65 6.03 -9.64
C MET A 109 -8.57 6.03 -9.58
N GLU A 110 -9.04 4.94 -8.98
CA GLU A 110 -10.02 4.99 -7.91
C GLU A 110 -9.53 5.89 -6.78
N TYR A 111 -10.43 6.75 -6.28
CA TYR A 111 -10.13 7.62 -5.15
C TYR A 111 -10.68 7.00 -3.88
N LEU A 112 -9.86 6.97 -2.82
CA LEU A 112 -10.28 6.42 -1.54
C LEU A 112 -10.18 7.53 -0.50
N GLY A 113 -11.31 7.88 0.12
CA GLY A 113 -11.37 9.09 0.91
C GLY A 113 -11.11 8.95 2.39
N GLY A 114 -10.85 7.74 2.89
CA GLY A 114 -10.67 7.57 4.32
C GLY A 114 -9.32 8.00 4.82
N GLY A 115 -8.28 7.85 4.00
CA GLY A 115 -6.91 8.06 4.42
C GLY A 115 -6.08 6.79 4.26
N SER A 116 -4.77 6.95 4.23
CA SER A 116 -3.93 5.76 4.24
C SER A 116 -3.88 5.20 5.66
N ALA A 117 -3.50 3.93 5.77
CA ALA A 117 -3.30 3.36 7.09
C ALA A 117 -2.27 4.15 7.88
N LEU A 118 -1.23 4.66 7.20
CA LEU A 118 -0.26 5.51 7.88
C LEU A 118 -0.91 6.79 8.42
N ASP A 119 -1.72 7.46 7.59
CA ASP A 119 -2.48 8.63 8.04
C ASP A 119 -3.27 8.33 9.31
N LEU A 120 -3.88 7.14 9.36
CA LEU A 120 -4.77 6.79 10.45
C LEU A 120 -4.05 6.48 11.75
N LEU A 121 -2.72 6.39 11.74
CA LEU A 121 -1.94 6.27 12.97
C LEU A 121 -1.79 7.61 13.70
N GLU A 122 -2.11 8.73 13.04
CA GLU A 122 -1.89 10.04 13.64
C GLU A 122 -2.65 10.27 14.94
N PRO A 123 -3.94 9.94 15.06
CA PRO A 123 -4.66 10.24 16.32
C PRO A 123 -4.10 9.52 17.54
N GLY A 124 -3.42 8.40 17.36
CA GLY A 124 -2.96 7.63 18.49
C GLY A 124 -2.87 6.18 18.11
N PRO A 125 -2.45 5.34 19.04
CA PRO A 125 -2.26 3.93 18.72
C PRO A 125 -3.55 3.23 18.32
N LEU A 126 -3.42 2.29 17.40
CA LEU A 126 -4.51 1.41 17.02
C LEU A 126 -4.68 0.34 18.10
N ASP A 127 -5.90 -0.14 18.27
CA ASP A 127 -6.08 -1.33 19.08
C ASP A 127 -5.90 -2.56 18.21
N GLU A 128 -5.83 -3.72 18.85
CA GLU A 128 -5.54 -4.93 18.10
C GLU A 128 -6.67 -5.36 17.19
N THR A 129 -7.92 -4.97 17.49
CA THR A 129 -8.99 -5.24 16.53
C THR A 129 -8.77 -4.45 15.24
N GLN A 130 -8.37 -3.19 15.37
CA GLN A 130 -8.11 -2.38 14.19
C GLN A 130 -6.91 -2.92 13.41
N ILE A 131 -5.85 -3.30 14.12
CA ILE A 131 -4.67 -3.85 13.45
C ILE A 131 -5.03 -5.14 12.71
N ALA A 132 -5.74 -6.05 13.40
CA ALA A 132 -6.10 -7.32 12.78
C ALA A 132 -7.01 -7.12 11.58
N THR A 133 -7.96 -6.19 11.68
CA THR A 133 -8.87 -5.95 10.57
C THR A 133 -8.11 -5.44 9.35
N ILE A 134 -7.22 -4.48 9.56
CA ILE A 134 -6.45 -3.91 8.44
C ILE A 134 -5.54 -4.98 7.85
N LEU A 135 -4.84 -5.73 8.71
CA LEU A 135 -3.98 -6.81 8.20
C LEU A 135 -4.77 -7.87 7.43
N ARG A 136 -5.94 -8.26 7.94
CA ARG A 136 -6.75 -9.24 7.22
C ARG A 136 -7.08 -8.76 5.81
N GLU A 137 -7.45 -7.49 5.67
CA GLU A 137 -7.79 -6.98 4.35
C GLU A 137 -6.56 -6.91 3.45
N ILE A 138 -5.41 -6.52 4.01
CA ILE A 138 -4.19 -6.52 3.20
C ILE A 138 -3.90 -7.93 2.71
N LEU A 139 -4.09 -8.92 3.58
CA LEU A 139 -3.87 -10.31 3.22
C LEU A 139 -4.80 -10.75 2.10
N LYS A 140 -6.04 -10.26 2.10
CA LYS A 140 -6.94 -10.60 1.00
C LYS A 140 -6.43 -10.04 -0.32
N GLY A 141 -5.88 -8.82 -0.29
CA GLY A 141 -5.28 -8.27 -1.49
C GLY A 141 -4.04 -9.05 -1.93
N LEU A 142 -3.20 -9.44 -0.96
CA LEU A 142 -2.01 -10.22 -1.30
C LEU A 142 -2.41 -11.59 -1.84
N ASP A 143 -3.42 -12.22 -1.23
CA ASP A 143 -3.93 -13.48 -1.74
C ASP A 143 -4.36 -13.34 -3.20
N TYR A 144 -5.08 -12.27 -3.52
CA TYR A 144 -5.46 -12.03 -4.91
C TYR A 144 -4.23 -11.88 -5.80
N LEU A 145 -3.31 -10.97 -5.43
CA LEU A 145 -2.14 -10.72 -6.28
C LEU A 145 -1.29 -11.97 -6.47
N HIS A 146 -1.02 -12.67 -5.38
CA HIS A 146 -0.18 -13.86 -5.47
C HIS A 146 -0.84 -14.95 -6.30
N SER A 147 -2.17 -15.06 -6.22
CA SER A 147 -2.87 -16.03 -7.06
C SER A 147 -2.83 -15.65 -8.53
N GLU A 148 -2.64 -14.36 -8.84
CA GLU A 148 -2.51 -13.86 -10.21
C GLU A 148 -1.06 -13.78 -10.67
N LYS A 149 -0.14 -14.42 -9.95
CA LYS A 149 1.30 -14.41 -10.26
C LYS A 149 1.92 -13.00 -10.24
N LYS A 150 1.40 -12.14 -9.38
CA LYS A 150 1.92 -10.80 -9.20
C LYS A 150 2.54 -10.67 -7.81
N ILE A 151 3.39 -9.66 -7.65
CA ILE A 151 4.03 -9.32 -6.39
C ILE A 151 3.83 -7.83 -6.18
N HIS A 152 3.34 -7.44 -5.00
CA HIS A 152 3.08 -6.02 -4.79
C HIS A 152 4.38 -5.22 -4.77
N ARG A 153 5.35 -5.67 -3.97
CA ARG A 153 6.72 -5.16 -3.84
C ARG A 153 6.87 -3.90 -2.97
N ASP A 154 5.81 -3.26 -2.53
CA ASP A 154 5.96 -2.10 -1.64
C ASP A 154 4.83 -2.05 -0.61
N ILE A 155 4.65 -3.15 0.12
CA ILE A 155 3.65 -3.19 1.20
C ILE A 155 4.19 -2.41 2.39
N LYS A 156 3.46 -1.38 2.80
CA LYS A 156 3.77 -0.52 3.94
C LYS A 156 2.48 0.25 4.21
N ALA A 157 2.38 0.81 5.43
CA ALA A 157 1.14 1.50 5.80
C ALA A 157 0.81 2.68 4.87
N ALA A 158 1.81 3.35 4.31
CA ALA A 158 1.55 4.47 3.42
C ALA A 158 0.88 4.06 2.11
N ASN A 159 0.96 2.77 1.74
CA ASN A 159 0.45 2.28 0.48
C ASN A 159 -0.84 1.47 0.65
N VAL A 160 -1.43 1.51 1.84
CA VAL A 160 -2.70 0.85 2.12
C VAL A 160 -3.70 1.98 2.31
N LEU A 161 -4.72 2.04 1.44
CA LEU A 161 -5.66 3.14 1.39
C LEU A 161 -7.05 2.67 1.81
N LEU A 162 -7.73 3.48 2.62
CA LEU A 162 -9.06 3.14 3.10
C LEU A 162 -10.11 4.03 2.45
N SER A 163 -11.24 3.43 2.10
CA SER A 163 -12.37 4.22 1.66
C SER A 163 -13.03 4.88 2.86
N GLU A 164 -13.92 5.83 2.58
CA GLU A 164 -14.62 6.48 3.67
C GLU A 164 -15.52 5.52 4.43
N HIS A 165 -15.84 4.35 3.85
CA HIS A 165 -16.64 3.32 4.50
C HIS A 165 -15.80 2.28 5.23
N GLY A 166 -14.47 2.38 5.20
CA GLY A 166 -13.61 1.44 5.88
C GLY A 166 -13.05 0.34 5.01
N GLU A 167 -13.36 0.31 3.73
CA GLU A 167 -12.77 -0.70 2.86
C GLU A 167 -11.27 -0.43 2.74
N VAL A 168 -10.49 -1.50 2.69
CA VAL A 168 -9.03 -1.41 2.72
C VAL A 168 -8.49 -1.94 1.40
N LYS A 169 -7.68 -1.14 0.71
CA LYS A 169 -7.15 -1.52 -0.60
C LYS A 169 -5.66 -1.23 -0.73
N LEU A 170 -5.01 -2.01 -1.58
CA LEU A 170 -3.59 -1.82 -1.87
C LEU A 170 -3.41 -0.81 -3.00
N ALA A 171 -2.37 0.02 -2.87
CA ALA A 171 -1.99 1.01 -3.88
C ALA A 171 -0.48 1.03 -4.03
N ASP A 172 0.00 1.73 -5.06
CA ASP A 172 1.42 2.07 -5.22
C ASP A 172 2.33 0.83 -5.20
N PHE A 173 2.12 -0.01 -6.21
CA PHE A 173 2.99 -1.17 -6.38
C PHE A 173 4.44 -0.73 -6.55
N GLY A 174 5.37 -1.56 -6.06
CA GLY A 174 6.77 -1.26 -6.20
C GLY A 174 7.32 -1.61 -7.57
N VAL A 175 8.48 -1.02 -7.89
CA VAL A 175 9.12 -1.21 -9.19
C VAL A 175 9.81 -2.56 -9.24
N ALA A 176 9.64 -3.28 -10.34
CA ALA A 176 10.19 -4.61 -10.50
C ALA A 176 11.62 -4.59 -11.03
N THR A 192 13.83 3.50 -0.20
CA THR A 192 13.96 3.34 1.24
C THR A 192 13.88 1.85 1.63
N PRO A 193 14.71 1.41 2.56
CA PRO A 193 14.88 -0.03 2.76
C PRO A 193 14.06 -0.66 3.88
N PHE A 194 13.36 0.13 4.70
CA PHE A 194 12.89 -0.36 6.00
C PHE A 194 11.93 -1.53 5.90
N TRP A 195 11.15 -1.61 4.82
CA TRP A 195 10.15 -2.66 4.65
C TRP A 195 10.63 -3.80 3.76
N MET A 196 11.86 -3.73 3.23
CA MET A 196 12.31 -4.72 2.25
C MET A 196 12.77 -6.01 2.90
N ALA A 197 12.42 -7.13 2.28
CA ALA A 197 12.89 -8.43 2.73
C ALA A 197 14.40 -8.57 2.50
N PRO A 198 15.07 -9.40 3.29
CA PRO A 198 16.53 -9.54 3.13
C PRO A 198 16.94 -10.03 1.75
N GLU A 199 16.19 -10.96 1.14
CA GLU A 199 16.54 -11.41 -0.21
C GLU A 199 16.37 -10.31 -1.25
N VAL A 200 15.47 -9.36 -1.01
CA VAL A 200 15.31 -8.24 -1.95
C VAL A 200 16.50 -7.31 -1.83
N ILE A 201 16.93 -7.04 -0.60
CA ILE A 201 18.10 -6.19 -0.38
C ILE A 201 19.34 -6.82 -0.99
N LYS A 202 19.50 -8.14 -0.83
CA LYS A 202 20.68 -8.74 -1.42
C LYS A 202 20.63 -8.81 -2.94
N GLN A 203 19.62 -8.19 -3.55
CA GLN A 203 19.50 -8.14 -5.01
C GLN A 203 19.50 -9.55 -5.60
N SER A 204 18.82 -10.45 -4.89
CA SER A 204 18.71 -11.85 -5.24
C SER A 204 17.34 -12.11 -5.84
N ALA A 205 17.19 -13.27 -6.48
CA ALA A 205 15.87 -13.71 -6.93
C ALA A 205 14.91 -13.66 -5.75
N TYR A 206 13.68 -13.21 -6.01
CA TYR A 206 12.68 -13.21 -4.95
C TYR A 206 11.32 -13.47 -5.55
N ASP A 207 10.35 -13.66 -4.66
CA ASP A 207 9.01 -14.04 -5.07
C ASP A 207 7.99 -13.41 -4.13
N SER A 208 6.75 -13.91 -4.20
CA SER A 208 5.67 -13.38 -3.38
C SER A 208 5.99 -13.40 -1.89
N LYS A 209 6.90 -14.25 -1.43
CA LYS A 209 7.23 -14.28 -0.01
C LYS A 209 7.87 -12.98 0.45
N ALA A 210 8.44 -12.20 -0.47
CA ALA A 210 8.95 -10.88 -0.09
C ALA A 210 7.83 -9.99 0.43
N ASP A 211 6.61 -10.11 -0.14
CA ASP A 211 5.49 -9.33 0.36
C ASP A 211 5.09 -9.75 1.76
N ILE A 212 5.25 -11.04 2.10
CA ILE A 212 4.92 -11.51 3.43
C ILE A 212 5.86 -10.91 4.47
N TRP A 213 7.16 -10.82 4.14
CA TRP A 213 8.08 -10.09 5.02
C TRP A 213 7.61 -8.65 5.20
N SER A 214 7.34 -7.95 4.09
CA SER A 214 6.93 -6.55 4.20
C SER A 214 5.66 -6.43 5.02
N LEU A 215 4.76 -7.41 4.93
CA LEU A 215 3.55 -7.41 5.75
C LEU A 215 3.90 -7.50 7.24
N GLY A 216 4.90 -8.31 7.57
CA GLY A 216 5.32 -8.37 8.96
C GLY A 216 5.87 -7.05 9.45
N ILE A 217 6.67 -6.38 8.63
CA ILE A 217 7.15 -5.04 8.99
C ILE A 217 5.98 -4.09 9.12
N THR A 218 4.98 -4.22 8.24
CA THR A 218 3.82 -3.34 8.29
C THR A 218 3.00 -3.59 9.56
N ALA A 219 2.94 -4.85 10.01
CA ALA A 219 2.27 -5.14 11.27
C ALA A 219 2.96 -4.42 12.44
N ILE A 220 4.30 -4.46 12.47
CA ILE A 220 5.02 -3.69 13.48
C ILE A 220 4.69 -2.21 13.35
N GLU A 221 4.69 -1.70 12.11
CA GLU A 221 4.39 -0.29 11.87
C GLU A 221 2.99 0.08 12.35
N LEU A 222 2.00 -0.78 12.09
CA LEU A 222 0.64 -0.51 12.56
C LEU A 222 0.54 -0.51 14.09
N ALA A 223 1.37 -1.31 14.76
CA ALA A 223 1.35 -1.43 16.21
C ALA A 223 2.17 -0.34 16.91
N ARG A 224 3.28 0.08 16.30
CA ARG A 224 4.22 0.99 16.95
C ARG A 224 4.30 2.35 16.30
N GLY A 225 3.82 2.49 15.06
CA GLY A 225 3.84 3.75 14.35
C GLY A 225 4.95 3.87 13.33
N GLU A 226 5.97 3.01 13.42
CA GLU A 226 7.17 3.13 12.61
C GLU A 226 7.71 1.73 12.41
N PRO A 227 8.41 1.46 11.30
CA PRO A 227 9.04 0.15 11.12
C PRO A 227 10.30 0.05 11.96
N PRO A 228 10.82 -1.16 12.15
CA PRO A 228 12.10 -1.31 12.85
C PRO A 228 13.20 -0.50 12.18
N HIS A 229 14.15 -0.03 13.01
CA HIS A 229 15.34 0.69 12.54
C HIS A 229 15.02 2.09 12.02
N SER A 230 13.84 2.64 12.33
CA SER A 230 13.43 3.89 11.71
C SER A 230 14.30 5.07 12.11
N GLU A 231 15.05 4.96 13.21
CA GLU A 231 15.96 6.00 13.67
C GLU A 231 17.34 5.96 13.00
N LEU A 232 17.59 4.97 12.14
CA LEU A 232 18.93 4.76 11.61
C LEU A 232 19.02 5.23 10.16
N HIS A 233 20.23 5.58 9.74
CA HIS A 233 20.44 5.95 8.35
C HIS A 233 20.10 4.78 7.44
N PRO A 234 19.41 5.02 6.31
CA PRO A 234 19.05 3.92 5.40
C PRO A 234 20.21 3.03 4.96
N MET A 235 21.41 3.60 4.78
CA MET A 235 22.54 2.78 4.37
C MET A 235 22.94 1.80 5.45
N LYS A 236 22.79 2.17 6.72
CA LYS A 236 23.03 1.20 7.78
C LYS A 236 21.96 0.13 7.80
N VAL A 237 20.70 0.51 7.57
CA VAL A 237 19.63 -0.48 7.50
C VAL A 237 19.87 -1.47 6.37
N LEU A 238 20.50 -1.02 5.28
CA LEU A 238 20.80 -1.90 4.16
C LEU A 238 21.64 -3.09 4.59
N PHE A 239 22.60 -2.90 5.49
CA PHE A 239 23.38 -4.05 5.93
C PHE A 239 22.78 -4.75 7.14
N LEU A 240 22.02 -4.05 7.97
CA LEU A 240 21.44 -4.68 9.16
C LEU A 240 20.38 -5.72 8.80
N ILE A 241 19.52 -5.43 7.82
CA ILE A 241 18.44 -6.37 7.52
C ILE A 241 18.95 -7.75 7.15
N PRO A 242 19.92 -7.90 6.24
CA PRO A 242 20.44 -9.25 5.97
C PRO A 242 21.30 -9.80 7.09
N LYS A 243 22.03 -8.94 7.81
CA LYS A 243 22.97 -9.40 8.84
C LYS A 243 22.24 -9.92 10.07
N ASN A 244 21.26 -9.16 10.56
CA ASN A 244 20.73 -9.34 11.90
C ASN A 244 19.67 -10.44 11.92
N ASN A 245 19.42 -10.95 13.12
CA ASN A 245 18.19 -11.70 13.36
C ASN A 245 17.00 -10.86 12.95
N PRO A 246 15.87 -11.48 12.61
CA PRO A 246 14.72 -10.69 12.17
C PRO A 246 14.18 -9.83 13.30
N PRO A 247 13.54 -8.71 12.98
CA PRO A 247 12.93 -7.89 14.03
C PRO A 247 11.83 -8.66 14.74
N THR A 248 11.53 -8.21 15.95
CA THR A 248 10.40 -8.71 16.71
C THR A 248 9.52 -7.53 17.09
N LEU A 249 8.29 -7.83 17.46
CA LEU A 249 7.36 -6.82 17.95
C LEU A 249 7.61 -6.66 19.44
N GLU A 250 8.06 -5.47 19.85
CA GLU A 250 8.41 -5.20 21.23
C GLU A 250 7.35 -4.31 21.85
N GLY A 251 6.90 -4.66 23.04
CA GLY A 251 5.91 -3.88 23.76
C GLY A 251 4.79 -4.77 24.26
N ASN A 252 3.75 -4.12 24.77
CA ASN A 252 2.67 -4.84 25.44
C ASN A 252 1.57 -5.16 24.43
N TYR A 253 1.78 -6.25 23.70
CA TYR A 253 0.86 -6.73 22.68
C TYR A 253 0.56 -8.19 22.96
N SER A 254 -0.60 -8.64 22.48
CA SER A 254 -0.99 -10.02 22.75
C SER A 254 -0.03 -10.99 22.09
N LYS A 255 0.10 -12.17 22.72
CA LYS A 255 0.96 -13.22 22.15
C LYS A 255 0.65 -13.54 20.70
N PRO A 256 -0.61 -13.72 20.29
CA PRO A 256 -0.86 -14.00 18.87
C PRO A 256 -0.38 -12.92 17.93
N LEU A 257 -0.45 -11.64 18.31
CA LEU A 257 0.08 -10.60 17.44
C LEU A 257 1.59 -10.70 17.32
N LYS A 258 2.28 -10.92 18.44
CA LYS A 258 3.72 -11.14 18.39
C LYS A 258 4.06 -12.36 17.53
N GLU A 259 3.25 -13.41 17.62
CA GLU A 259 3.46 -14.61 16.81
C GLU A 259 3.18 -14.36 15.33
N PHE A 260 2.17 -13.55 15.01
CA PHE A 260 1.91 -13.20 13.62
C PHE A 260 3.12 -12.51 13.01
N VAL A 261 3.67 -11.52 13.72
CA VAL A 261 4.87 -10.82 13.26
C VAL A 261 6.03 -11.80 13.07
N GLU A 262 6.25 -12.67 14.06
CA GLU A 262 7.35 -13.63 14.00
C GLU A 262 7.21 -14.57 12.81
N ALA A 263 5.99 -15.02 12.49
CA ALA A 263 5.79 -15.90 11.35
C ALA A 263 6.16 -15.21 10.05
N CYS A 264 5.76 -13.94 9.90
CA CYS A 264 6.06 -13.22 8.66
C CYS A 264 7.55 -12.96 8.52
N LEU A 265 8.22 -12.66 9.61
CA LEU A 265 9.61 -12.20 9.58
C LEU A 265 10.57 -13.37 9.78
N ASN A 266 10.46 -14.34 8.90
CA ASN A 266 11.44 -15.41 8.84
C ASN A 266 12.50 -15.00 7.81
N LYS A 267 13.78 -15.13 8.18
CA LYS A 267 14.84 -14.74 7.25
C LYS A 267 14.79 -15.60 5.99
N GLU A 268 14.32 -16.85 6.11
CA GLU A 268 14.22 -17.74 4.96
C GLU A 268 12.86 -17.54 4.30
N PRO A 269 12.80 -16.99 3.07
CA PRO A 269 11.49 -16.80 2.40
C PRO A 269 10.65 -18.06 2.31
N SER A 270 11.27 -19.22 2.04
CA SER A 270 10.50 -20.45 1.92
C SER A 270 9.75 -20.81 3.20
N PHE A 271 10.20 -20.31 4.36
CA PHE A 271 9.62 -20.69 5.64
C PHE A 271 8.56 -19.71 6.10
N ARG A 272 8.37 -18.61 5.37
CA ARG A 272 7.27 -17.70 5.68
C ARG A 272 5.97 -18.32 5.19
N PRO A 273 4.87 -18.11 5.90
CA PRO A 273 3.57 -18.61 5.42
C PRO A 273 3.09 -17.83 4.20
N THR A 274 2.16 -18.43 3.48
CA THR A 274 1.47 -17.75 2.41
C THR A 274 0.40 -16.82 2.98
N ALA A 275 -0.09 -15.91 2.13
CA ALA A 275 -1.21 -15.05 2.52
C ALA A 275 -2.42 -15.88 2.92
N LYS A 276 -2.71 -16.96 2.16
CA LYS A 276 -3.84 -17.81 2.51
C LYS A 276 -3.69 -18.41 3.90
N GLU A 277 -2.48 -18.85 4.24
CA GLU A 277 -2.27 -19.43 5.55
C GLU A 277 -2.42 -18.38 6.64
N LEU A 278 -1.95 -17.16 6.38
CA LEU A 278 -2.02 -16.14 7.40
C LEU A 278 -3.46 -15.67 7.63
N LEU A 279 -4.34 -15.82 6.64
CA LEU A 279 -5.74 -15.48 6.84
C LEU A 279 -6.39 -16.36 7.90
N LYS A 280 -5.77 -17.50 8.21
CA LYS A 280 -6.24 -18.42 9.25
C LYS A 280 -5.45 -18.28 10.54
N HIS A 281 -4.58 -17.29 10.64
CA HIS A 281 -3.76 -17.16 11.84
C HIS A 281 -4.63 -16.78 13.03
N LYS A 282 -4.29 -17.34 14.20
CA LYS A 282 -5.05 -17.08 15.42
C LYS A 282 -5.24 -15.60 15.68
N PHE A 283 -4.21 -14.78 15.41
CA PHE A 283 -4.35 -13.35 15.66
C PHE A 283 -5.49 -12.77 14.83
N ILE A 284 -5.55 -13.16 13.55
CA ILE A 284 -6.58 -12.66 12.66
C ILE A 284 -7.95 -13.18 13.09
N LEU A 285 -8.06 -14.48 13.33
CA LEU A 285 -9.35 -15.06 13.63
C LEU A 285 -9.92 -14.52 14.94
N ARG A 286 -9.05 -14.27 15.92
CA ARG A 286 -9.54 -13.82 17.21
C ARG A 286 -9.88 -12.34 17.26
N ASN A 287 -9.28 -11.52 16.40
CA ASN A 287 -9.34 -10.07 16.57
C ASN A 287 -9.98 -9.31 15.40
N ALA A 288 -9.93 -9.83 14.18
CA ALA A 288 -10.43 -9.06 13.05
C ALA A 288 -11.95 -8.98 13.10
N LYS A 289 -12.50 -7.84 12.70
CA LYS A 289 -13.95 -7.62 12.71
C LYS A 289 -14.37 -7.01 11.37
N LYS A 290 -15.66 -6.68 11.25
CA LYS A 290 -16.18 -6.07 10.04
C LYS A 290 -15.42 -4.79 9.70
N THR A 291 -15.13 -4.58 8.42
CA THR A 291 -14.39 -3.38 8.02
C THR A 291 -15.16 -2.11 8.34
N SER A 292 -16.49 -2.18 8.38
CA SER A 292 -17.28 -0.98 8.66
C SER A 292 -16.94 -0.37 10.01
N TYR A 293 -16.43 -1.16 10.95
CA TYR A 293 -16.01 -0.61 12.23
C TYR A 293 -14.85 0.36 12.08
N LEU A 294 -14.10 0.28 10.98
CA LEU A 294 -12.99 1.19 10.77
C LEU A 294 -13.43 2.62 10.52
N THR A 295 -14.73 2.86 10.24
CA THR A 295 -15.21 4.21 10.10
C THR A 295 -14.97 5.03 11.37
N GLU A 296 -14.97 4.36 12.53
CA GLU A 296 -14.69 5.07 13.78
C GLU A 296 -13.26 5.59 13.80
N LEU A 297 -12.33 4.79 13.27
CA LEU A 297 -10.95 5.23 13.10
C LEU A 297 -10.86 6.38 12.11
N ILE A 298 -11.53 6.25 10.96
CA ILE A 298 -11.54 7.32 9.98
C ILE A 298 -12.08 8.61 10.57
N ASP A 299 -13.16 8.51 11.34
CA ASP A 299 -13.76 9.71 11.93
C ASP A 299 -12.79 10.39 12.89
N ALA A 300 -12.05 9.60 13.66
CA ALA A 300 -11.09 10.15 14.61
C ALA A 300 -10.02 10.96 13.88
N HIS A 301 -9.58 10.46 12.72
CA HIS A 301 -8.58 11.15 11.92
C HIS A 301 -9.12 12.48 11.38
N HIS A 302 -10.41 12.52 11.05
CA HIS A 302 -10.99 13.78 10.61
C HIS A 302 -10.79 14.88 11.64
N HIS A 303 -10.78 14.54 12.93
CA HIS A 303 -10.70 15.51 14.00
C HIS A 303 -9.30 15.71 14.56
N HIS A 304 -8.40 14.76 14.35
CA HIS A 304 -7.04 14.82 14.89
C HIS A 304 -6.08 14.48 13.76
N HIS A 305 -5.56 15.52 13.09
CA HIS A 305 -4.67 15.30 11.97
C HIS A 305 -3.74 16.50 11.80
N HIS A 306 -2.57 16.25 11.22
CA HIS A 306 -1.60 17.31 10.96
C HIS A 306 -1.79 17.91 9.57
C VZ2 B . 3.56 5.88 -11.63
O VZ2 B . -5.02 13.31 0.60
N VZ2 B . -6.88 7.67 -3.25
C3 VZ2 B . 0.46 3.86 -12.42
C4 VZ2 B . -0.37 4.32 -11.41
C5 VZ2 B . 0.13 5.26 -10.52
C6 VZ2 B . -0.69 5.77 -9.39
C7 VZ2 B . -0.49 5.31 -8.10
C8 VZ2 B . -1.25 5.78 -7.04
C1 VZ2 B . 2.18 5.30 -11.58
C10 VZ2 B . -2.99 7.30 -6.09
C11 VZ2 B . -4.27 6.95 -5.84
C12 VZ2 B . -4.97 7.46 -4.70
C13 VZ2 B . -6.29 7.15 -4.33
C14 VZ2 B . -6.13 8.52 -2.52
C15 VZ2 B . -6.10 10.07 -0.59
C16 VZ2 B . -6.08 9.67 0.86
C17 VZ2 B . -5.56 10.77 1.77
C18 VZ2 B . -7.74 11.96 2.38
C19 VZ2 B . -8.14 13.42 2.36
C2 VZ2 B . 1.74 4.36 -12.51
C20 VZ2 B . -7.23 14.07 1.33
C21 VZ2 B . -6.09 13.11 1.17
C22 VZ2 B . -4.30 8.35 -3.84
C23 VZ2 B . -2.26 9.56 -3.18
C24 VZ2 B . -1.77 8.83 -1.93
C25 VZ2 B . -0.68 7.81 -2.23
C26 VZ2 B . -0.28 6.99 -1.01
C27 VZ2 B . -2.29 8.24 -5.23
C28 VZ2 B . -2.43 7.20 -8.56
C29 VZ2 B . -1.67 6.72 -9.61
C9 VZ2 B . -2.23 6.75 -7.25
N1 VZ2 B . -6.72 9.05 -1.42
N2 VZ2 B . -6.42 11.95 1.75
N3 VZ2 B . -4.87 8.89 -2.76
N4 VZ2 B . -2.98 8.69 -4.10
N5 VZ2 B . 0.87 6.09 -1.29
N6 VZ2 B . 1.39 5.74 -10.59
O1 VZ2 B . -1.14 8.63 -5.42
CL VZ2 B . -3.65 8.37 -8.91
C1 EDO C . -14.87 10.73 -1.77
O1 EDO C . -14.82 10.19 -0.44
C2 EDO C . -16.13 10.25 -2.47
O2 EDO C . -17.29 10.82 -1.84
C1 EDO D . -12.03 -1.24 17.45
O1 EDO D . -11.84 -0.03 18.20
C2 EDO D . -13.26 -1.97 17.96
O2 EDO D . -13.96 -2.52 16.84
C1 EDO E . -15.35 7.35 -12.72
O1 EDO E . -16.49 7.73 -13.50
C2 EDO E . -14.15 7.13 -13.64
O2 EDO E . -13.83 8.33 -14.35
#